data_4W7G
#
_entry.id   4W7G
#
_cell.length_a   59.370
_cell.length_b   138.670
_cell.length_c   112.540
_cell.angle_alpha   90.00
_cell.angle_beta   90.00
_cell.angle_gamma   90.00
#
_symmetry.space_group_name_H-M   'C 2 2 21'
#
loop_
_entity.id
_entity.type
_entity.pdbx_description
1 polymer 'Dynein Light Intermediate Chain'
2 water water
#
_entity_poly.entity_id   1
_entity_poly.type   'polypeptide(L)'
_entity_poly.pdbx_seq_one_letter_code
;GPLGSMTANTNRYSTYTAASAASDSKNGDKGEKKDLWNSMLSSVASGRRLPEKNIILLGGTVDSQREFFEALSSNDRRTL
DRSSSRSPPVANSFALGYTYYDVLDADHEDTLARISIYTLTDPSPAFASLLQPILTPDSIPNTLIVILLDWSQPWKWMRQ
LREWILLLRTVLVSLSHECKATMEEVMLSWRDRGRGGGINLDGSMTAPTADAEPALPLGPGEWEDGLGLPLCVVCQNAEK
MEYLEKTQGWKEEEFDVVLQFMRTVLLKHGASLIYTTPSVPSQLPSLIHSSLGIHSLLKKQPLKHNVIERDKIVVPPNWD
SWGKIRVLREGFDVERVSNGWSVDLDQPYPLIRSINGTAANGEDGQINGEDGSTLVEEALPDPEGSTVVLYEEAVQDPTM
DALQLAGRNTHSTHLEVETIDTQAFLAQQLKVLEALRQKEEESSRESARRKAHKKVDDDRHLVGGIGDDTGRRPTVEGKV
LEHIGPVQFNMGGIQVDADDMVQRLKERQAYGSPSEPDSPTESTVEATPHMDTENLQAFFHGLMNRRGAAAK
;
_entity_poly.pdbx_strand_id   A
#
# COMPACT_ATOMS: atom_id res chain seq x y z
N ARG A 49 8.19 -2.42 26.78
CA ARG A 49 8.07 -3.86 26.92
C ARG A 49 7.06 -4.41 25.90
N LEU A 50 6.32 -3.50 25.28
CA LEU A 50 5.36 -3.89 24.26
C LEU A 50 6.07 -4.26 22.97
N PRO A 51 5.59 -5.30 22.28
CA PRO A 51 6.04 -5.49 20.89
C PRO A 51 5.99 -4.18 20.10
N GLU A 52 7.04 -3.91 19.35
CA GLU A 52 7.13 -2.69 18.57
C GLU A 52 6.97 -2.98 17.11
N LYS A 53 6.10 -2.19 16.51
CA LYS A 53 5.85 -2.17 15.07
C LYS A 53 6.12 -0.77 14.53
N ASN A 54 6.57 -0.70 13.27
CA ASN A 54 6.80 0.56 12.55
C ASN A 54 5.96 0.70 11.31
N ILE A 55 5.42 1.90 11.14
CA ILE A 55 4.91 2.33 9.85
C ILE A 55 5.84 3.43 9.33
N ILE A 56 6.25 3.26 8.08
CA ILE A 56 6.91 4.31 7.31
C ILE A 56 5.86 4.92 6.38
N LEU A 57 5.44 6.12 6.73
CA LEU A 57 4.33 6.77 6.10
C LEU A 57 4.83 7.76 5.06
N LEU A 58 4.51 7.48 3.79
CA LEU A 58 5.02 8.28 2.68
C LEU A 58 3.91 9.10 1.99
N GLY A 59 4.12 10.40 1.87
CA GLY A 59 3.29 11.22 1.02
C GLY A 59 2.24 11.90 1.85
N GLY A 60 1.20 12.38 1.17
CA GLY A 60 0.12 13.07 1.84
C GLY A 60 0.51 14.50 2.20
N THR A 61 -0.34 15.16 2.98
CA THR A 61 -0.11 16.50 3.47
C THR A 61 -0.15 16.47 4.97
N VAL A 62 0.03 17.63 5.57
CA VAL A 62 0.04 17.74 7.01
C VAL A 62 -1.30 17.23 7.56
N ASP A 63 -2.39 17.69 6.95
CA ASP A 63 -3.73 17.34 7.44
C ASP A 63 -4.13 15.89 7.09
N SER A 64 -3.68 15.38 5.94
CA SER A 64 -4.09 14.04 5.50
C SER A 64 -3.31 12.96 6.25
N GLN A 65 -2.12 13.31 6.71
CA GLN A 65 -1.36 12.43 7.56
C GLN A 65 -2.02 12.32 8.94
N ARG A 66 -2.42 13.47 9.47
CA ARG A 66 -3.17 13.45 10.71
C ARG A 66 -4.48 12.67 10.56
N GLU A 67 -5.19 12.88 9.45
CA GLU A 67 -6.43 12.13 9.16
C GLU A 67 -6.11 10.62 9.07
N PHE A 68 -5.03 10.26 8.38
CA PHE A 68 -4.59 8.87 8.37
C PHE A 68 -4.44 8.31 9.80
N PHE A 69 -3.75 9.07 10.64
CA PHE A 69 -3.46 8.65 12.00
C PHE A 69 -4.77 8.40 12.79
N GLU A 70 -5.72 9.30 12.66
CA GLU A 70 -7.02 9.16 13.32
C GLU A 70 -7.80 7.95 12.78
N ALA A 71 -7.85 7.83 11.46
CA ALA A 71 -8.52 6.71 10.82
C ALA A 71 -7.90 5.40 11.32
N LEU A 72 -6.58 5.38 11.38
CA LEU A 72 -5.85 4.18 11.80
C LEU A 72 -6.12 3.83 13.27
N SER A 73 -6.14 4.82 14.13
CA SER A 73 -5.97 4.56 15.56
C SER A 73 -7.17 4.98 16.39
N SER A 74 -8.22 5.46 15.73
CA SER A 74 -9.42 5.91 16.42
C SER A 74 -9.94 4.93 17.48
N ASN A 75 -10.47 3.78 17.04
CA ASN A 75 -11.13 2.87 17.99
C ASN A 75 -10.16 2.25 18.98
N ASP A 76 -9.17 1.57 18.41
CA ASP A 76 -8.35 0.60 19.12
C ASP A 76 -7.06 1.18 19.67
N ARG A 77 -7.05 2.46 20.01
CA ARG A 77 -5.87 3.07 20.62
C ARG A 77 -6.13 3.41 22.08
N ARG A 78 -5.10 3.25 22.92
CA ARG A 78 -5.10 3.72 24.32
C ARG A 78 -5.39 5.23 24.41
N PHE A 94 17.02 18.16 11.03
CA PHE A 94 17.12 17.06 10.08
C PHE A 94 16.50 15.77 10.64
N ALA A 95 15.16 15.63 10.57
CA ALA A 95 14.51 14.42 11.07
C ALA A 95 13.12 14.11 10.46
N LEU A 96 12.78 12.82 10.46
CA LEU A 96 11.46 12.38 10.04
C LEU A 96 10.44 12.79 11.08
N GLY A 97 9.19 12.96 10.66
CA GLY A 97 8.11 13.17 11.63
C GLY A 97 7.94 11.88 12.40
N TYR A 98 7.50 11.98 13.64
CA TYR A 98 7.39 10.83 14.52
C TYR A 98 6.19 10.88 15.41
N THR A 99 5.48 9.77 15.48
CA THR A 99 4.50 9.61 16.52
C THR A 99 4.26 8.13 16.75
N TYR A 100 3.37 7.84 17.68
CA TYR A 100 3.10 6.46 18.02
C TYR A 100 1.77 6.34 18.69
N TYR A 101 1.35 5.10 18.85
CA TYR A 101 0.17 4.77 19.63
C TYR A 101 0.19 3.28 20.00
N ASP A 102 -0.51 2.97 21.08
CA ASP A 102 -0.61 1.62 21.58
C ASP A 102 -1.92 1.02 21.06
N VAL A 103 -1.83 -0.14 20.41
CA VAL A 103 -3.04 -0.74 19.80
C VAL A 103 -3.69 -1.72 20.78
N LEU A 104 -5.00 -1.55 20.95
CA LEU A 104 -5.80 -2.42 21.82
C LEU A 104 -6.38 -3.55 20.98
N ASP A 105 -6.71 -4.67 21.65
CA ASP A 105 -7.42 -5.77 21.01
C ASP A 105 -8.91 -5.46 20.84
N ALA A 106 -9.63 -6.40 20.23
CA ALA A 106 -10.96 -6.11 19.69
C ALA A 106 -12.02 -5.81 20.74
N ASP A 107 -11.70 -6.01 22.01
CA ASP A 107 -12.62 -5.66 23.07
C ASP A 107 -12.23 -4.35 23.72
N HIS A 108 -11.26 -3.66 23.12
N HIS A 108 -11.28 -3.63 23.13
CA HIS A 108 -10.77 -2.39 23.61
CA HIS A 108 -10.82 -2.34 23.66
C HIS A 108 -10.26 -2.47 25.05
C HIS A 108 -10.19 -2.45 25.05
N GLU A 109 -9.74 -3.64 25.44
CA GLU A 109 -9.16 -3.83 26.79
C GLU A 109 -7.63 -3.92 26.80
N ASP A 110 -7.09 -5.03 26.32
CA ASP A 110 -5.66 -5.31 26.43
C ASP A 110 -4.87 -4.68 25.29
N THR A 111 -3.66 -4.23 25.60
CA THR A 111 -2.76 -3.66 24.62
C THR A 111 -1.92 -4.73 23.92
N LEU A 112 -1.90 -4.69 22.60
CA LEU A 112 -1.27 -5.75 21.80
C LEU A 112 0.12 -5.36 21.30
N ALA A 113 0.30 -4.08 20.97
CA ALA A 113 1.52 -3.60 20.35
C ALA A 113 1.64 -2.06 20.44
N ARG A 114 2.87 -1.57 20.29
CA ARG A 114 3.10 -0.14 20.12
C ARG A 114 3.52 0.09 18.69
N ILE A 115 2.79 0.93 18.00
CA ILE A 115 3.08 1.28 16.62
C ILE A 115 3.75 2.64 16.60
N SER A 116 4.95 2.67 16.04
CA SER A 116 5.69 3.88 15.77
C SER A 116 5.50 4.26 14.32
N ILE A 117 5.16 5.50 14.08
CA ILE A 117 5.02 6.02 12.71
C ILE A 117 6.10 7.08 12.39
N TYR A 118 6.85 6.81 11.33
CA TYR A 118 7.82 7.74 10.76
C TYR A 118 7.31 8.25 9.45
N THR A 119 7.31 9.58 9.31
CA THR A 119 6.64 10.28 8.23
C THR A 119 7.57 11.05 7.33
N LEU A 120 7.41 10.86 6.03
CA LEU A 120 8.12 11.62 5.04
C LEU A 120 7.12 12.00 3.99
N THR A 121 6.76 13.27 4.02
CA THR A 121 5.79 13.89 3.11
C THR A 121 6.22 13.96 1.62
N ASP A 122 7.50 14.28 1.39
CA ASP A 122 8.01 14.52 0.04
C ASP A 122 9.06 13.52 -0.34
N PRO A 123 9.13 13.14 -1.61
CA PRO A 123 10.13 12.12 -1.94
C PRO A 123 11.53 12.71 -2.08
N SER A 124 12.10 13.20 -0.98
N SER A 124 12.09 13.16 -0.95
CA SER A 124 13.46 13.75 -1.00
CA SER A 124 13.44 13.69 -0.89
C SER A 124 14.49 12.70 -0.64
C SER A 124 14.47 12.58 -0.65
N PRO A 125 15.49 12.48 -1.51
CA PRO A 125 16.57 11.52 -1.24
C PRO A 125 17.30 11.80 0.07
N ALA A 126 17.50 13.07 0.37
CA ALA A 126 18.14 13.45 1.62
C ALA A 126 17.45 12.85 2.83
N PHE A 127 16.15 13.08 2.96
CA PHE A 127 15.46 12.66 4.17
C PHE A 127 15.22 11.15 4.13
N ALA A 128 15.12 10.59 2.92
CA ALA A 128 14.95 9.14 2.75
C ALA A 128 16.11 8.40 3.40
N SER A 129 17.33 8.93 3.24
CA SER A 129 18.49 8.41 3.96
C SER A 129 18.29 8.25 5.48
N LEU A 130 17.40 9.04 6.09
CA LEU A 130 17.15 8.93 7.53
C LEU A 130 16.45 7.63 7.90
N LEU A 131 15.95 6.93 6.90
CA LEU A 131 15.29 5.64 7.09
C LEU A 131 16.27 4.53 7.43
N GLN A 132 17.52 4.70 7.01
CA GLN A 132 18.54 3.66 7.20
C GLN A 132 18.60 3.18 8.64
N PRO A 133 18.81 4.10 9.59
CA PRO A 133 18.90 3.69 10.99
C PRO A 133 17.64 3.07 11.57
N ILE A 134 16.50 3.33 10.96
CA ILE A 134 15.22 2.80 11.43
C ILE A 134 15.00 1.34 10.98
N LEU A 135 15.63 0.97 9.87
CA LEU A 135 15.51 -0.38 9.30
C LEU A 135 16.71 -1.27 9.69
N THR A 136 16.54 -2.05 10.76
CA THR A 136 17.56 -2.95 11.26
C THR A 136 17.03 -4.37 11.13
N PRO A 137 17.89 -5.37 11.38
CA PRO A 137 17.45 -6.77 11.32
C PRO A 137 16.28 -7.04 12.26
N ASP A 138 16.24 -6.36 13.41
CA ASP A 138 15.17 -6.56 14.38
C ASP A 138 13.89 -5.83 13.96
N SER A 139 14.02 -4.65 13.36
CA SER A 139 12.81 -3.87 13.02
C SER A 139 12.22 -4.27 11.69
N ILE A 140 13.04 -4.82 10.79
CA ILE A 140 12.58 -5.03 9.42
C ILE A 140 11.37 -5.96 9.34
N PRO A 141 11.34 -7.06 10.13
CA PRO A 141 10.16 -7.96 10.08
C PRO A 141 8.90 -7.37 10.72
N ASN A 142 9.03 -6.17 11.28
CA ASN A 142 7.97 -5.48 12.02
C ASN A 142 7.56 -4.15 11.42
N THR A 143 7.90 -3.98 10.15
CA THR A 143 7.72 -2.71 9.44
C THR A 143 6.84 -2.82 8.22
N LEU A 144 5.95 -1.85 8.09
CA LEU A 144 5.09 -1.69 6.92
C LEU A 144 5.32 -0.34 6.23
N ILE A 145 5.38 -0.36 4.91
CA ILE A 145 5.40 0.88 4.13
C ILE A 145 3.98 1.26 3.81
N VAL A 146 3.61 2.51 4.10
CA VAL A 146 2.32 3.04 3.70
C VAL A 146 2.48 4.26 2.83
N ILE A 147 1.93 4.19 1.62
CA ILE A 147 1.90 5.37 0.73
C ILE A 147 0.51 5.99 0.73
N LEU A 148 0.45 7.30 0.96
CA LEU A 148 -0.78 8.08 0.87
C LEU A 148 -0.93 8.71 -0.53
N LEU A 149 -2.02 8.36 -1.19
CA LEU A 149 -2.42 9.02 -2.44
C LEU A 149 -3.71 9.77 -2.16
N ASP A 150 -4.12 10.61 -3.09
CA ASP A 150 -5.18 11.59 -2.86
C ASP A 150 -6.19 11.54 -4.02
N TRP A 151 -7.46 11.25 -3.72
CA TRP A 151 -8.50 11.20 -4.78
C TRP A 151 -8.81 12.56 -5.43
N SER A 152 -8.27 13.64 -4.88
CA SER A 152 -8.35 14.93 -5.58
C SER A 152 -7.50 14.98 -6.85
N GLN A 153 -6.54 14.06 -7.02
CA GLN A 153 -5.61 14.14 -8.15
C GLN A 153 -5.16 12.75 -8.65
N PRO A 154 -6.12 11.85 -8.98
CA PRO A 154 -5.80 10.47 -9.37
C PRO A 154 -4.95 10.35 -10.63
N TRP A 155 -4.95 11.40 -11.46
CA TRP A 155 -4.13 11.42 -12.67
C TRP A 155 -2.63 11.36 -12.30
N LYS A 156 -2.28 11.83 -11.11
CA LYS A 156 -0.88 11.81 -10.62
C LYS A 156 -0.42 10.48 -9.99
N TRP A 157 -1.34 9.55 -9.76
CA TRP A 157 -1.03 8.42 -8.92
C TRP A 157 0.09 7.53 -9.42
N MET A 158 0.07 7.15 -10.68
CA MET A 158 1.01 6.13 -11.13
C MET A 158 2.45 6.67 -11.10
N ARG A 159 2.62 7.94 -11.51
CA ARG A 159 3.89 8.65 -11.43
C ARG A 159 4.39 8.87 -10.00
N GLN A 160 3.48 9.22 -9.10
CA GLN A 160 3.82 9.38 -7.69
C GLN A 160 4.29 8.05 -7.09
N LEU A 161 3.57 7.00 -7.46
CA LEU A 161 3.85 5.66 -6.93
C LEU A 161 5.23 5.21 -7.41
N ARG A 162 5.50 5.41 -8.68
CA ARG A 162 6.78 5.02 -9.24
C ARG A 162 7.92 5.76 -8.52
N GLU A 163 7.70 7.04 -8.23
CA GLU A 163 8.74 7.86 -7.60
C GLU A 163 9.05 7.32 -6.19
N TRP A 164 8.01 7.04 -5.42
CA TRP A 164 8.19 6.53 -4.07
C TRP A 164 8.91 5.19 -4.06
N ILE A 165 8.54 4.32 -4.99
CA ILE A 165 9.13 3.00 -5.02
C ILE A 165 10.59 3.05 -5.42
N LEU A 166 10.92 3.85 -6.42
CA LEU A 166 12.32 4.07 -6.78
C LEU A 166 13.10 4.67 -5.61
N LEU A 167 12.51 5.65 -4.92
CA LEU A 167 13.14 6.26 -3.75
C LEU A 167 13.40 5.18 -2.68
N LEU A 168 12.37 4.40 -2.39
CA LEU A 168 12.45 3.40 -1.35
C LEU A 168 13.52 2.35 -1.67
N ARG A 169 13.54 1.91 -2.92
CA ARG A 169 14.51 0.93 -3.38
C ARG A 169 15.94 1.40 -3.14
N THR A 170 16.13 2.70 -3.32
CA THR A 170 17.43 3.32 -3.13
C THR A 170 17.89 3.18 -1.69
N VAL A 171 16.96 3.36 -0.77
CA VAL A 171 17.28 3.16 0.64
C VAL A 171 17.57 1.67 0.92
N LEU A 172 16.70 0.79 0.42
CA LEU A 172 16.78 -0.61 0.82
C LEU A 172 18.04 -1.28 0.28
N VAL A 173 18.44 -1.00 -0.96
CA VAL A 173 19.70 -1.57 -1.48
C VAL A 173 20.92 -1.10 -0.73
N SER A 174 20.77 -0.09 0.10
CA SER A 174 21.94 0.51 0.75
C SER A 174 22.15 -0.07 2.15
N LEU A 175 21.21 -0.91 2.60
CA LEU A 175 21.29 -1.50 3.94
C LEU A 175 22.32 -2.62 3.97
N SER A 176 22.68 -3.06 5.17
CA SER A 176 23.72 -4.06 5.36
C SER A 176 23.28 -5.40 4.80
N HIS A 177 24.24 -6.31 4.60
CA HIS A 177 23.91 -7.61 4.09
C HIS A 177 22.89 -8.30 5.00
N GLU A 178 23.10 -8.19 6.31
CA GLU A 178 22.18 -8.82 7.27
C GLU A 178 20.76 -8.27 7.09
N CYS A 179 20.64 -6.94 6.88
CA CYS A 179 19.32 -6.34 6.64
C CYS A 179 18.68 -6.94 5.40
N LYS A 180 19.49 -7.18 4.37
CA LYS A 180 18.94 -7.64 3.11
C LYS A 180 18.53 -9.11 3.20
N ALA A 181 19.29 -9.89 3.97
CA ALA A 181 18.95 -11.28 4.24
C ALA A 181 17.67 -11.33 5.03
N THR A 182 17.47 -10.36 5.90
CA THR A 182 16.26 -10.34 6.70
C THR A 182 15.08 -9.96 5.81
N MET A 183 15.29 -9.04 4.87
CA MET A 183 14.22 -8.66 3.94
C MET A 183 13.81 -9.82 3.02
N GLU A 184 14.78 -10.65 2.64
CA GLU A 184 14.50 -11.84 1.84
C GLU A 184 13.66 -12.83 2.61
N GLU A 185 13.97 -13.01 3.89
CA GLU A 185 13.19 -13.84 4.79
C GLU A 185 11.76 -13.30 4.88
N VAL A 186 11.65 -11.98 5.02
CA VAL A 186 10.31 -11.37 5.17
C VAL A 186 9.48 -11.58 3.90
N MET A 187 10.11 -11.39 2.75
CA MET A 187 9.44 -11.59 1.47
C MET A 187 9.03 -13.06 1.33
N LEU A 188 9.91 -14.00 1.66
CA LEU A 188 9.55 -15.42 1.56
C LEU A 188 8.32 -15.73 2.42
N SER A 189 8.30 -15.24 3.64
CA SER A 189 7.19 -15.57 4.55
C SER A 189 5.88 -14.89 4.14
N TRP A 190 5.95 -13.78 3.42
CA TRP A 190 4.75 -13.08 2.94
C TRP A 190 4.05 -13.81 1.80
N ARG A 191 4.72 -14.75 1.18
CA ARG A 191 4.13 -15.37 -0.01
C ARG A 191 2.75 -15.95 0.32
N ASP A 192 2.60 -16.46 1.55
CA ASP A 192 1.40 -17.21 1.93
C ASP A 192 0.54 -16.48 2.96
N ARG A 193 0.98 -15.33 3.46
CA ARG A 193 0.19 -14.66 4.49
C ARG A 193 -1.13 -14.18 3.94
N GLY A 194 -2.22 -14.81 4.38
CA GLY A 194 -3.55 -14.36 4.01
C GLY A 194 -3.98 -14.92 2.64
N ARG A 195 -3.30 -15.99 2.18
CA ARG A 195 -3.47 -16.55 0.85
C ARG A 195 -4.59 -17.63 0.79
N GLY A 196 -5.13 -18.02 1.95
CA GLY A 196 -6.19 -19.01 2.01
C GLY A 196 -5.74 -20.43 2.28
N GLY A 197 -4.42 -20.63 2.39
CA GLY A 197 -3.86 -21.92 2.76
C GLY A 197 -3.71 -21.98 4.28
N GLY A 198 -2.53 -22.38 4.76
CA GLY A 198 -2.31 -22.43 6.20
C GLY A 198 -2.18 -21.12 7.01
N ILE A 199 -1.80 -20.01 6.37
CA ILE A 199 -1.29 -18.83 7.08
C ILE A 199 -2.21 -17.61 7.02
N ASN A 200 -2.60 -17.11 8.19
CA ASN A 200 -3.43 -15.92 8.22
C ASN A 200 -2.65 -14.70 7.79
N LEU A 201 -3.40 -13.66 7.48
CA LEU A 201 -2.85 -12.42 6.99
C LEU A 201 -1.92 -11.85 8.05
N ASP A 202 -2.28 -12.09 9.32
CA ASP A 202 -1.48 -11.53 10.44
C ASP A 202 -0.25 -12.35 10.76
N GLY A 203 -0.03 -13.43 10.01
CA GLY A 203 1.17 -14.23 10.20
C GLY A 203 0.98 -15.43 11.10
N SER A 204 -0.16 -15.52 11.80
CA SER A 204 -0.47 -16.68 12.66
C SER A 204 -0.90 -17.87 11.79
N MET A 205 -0.73 -19.07 12.32
CA MET A 205 -1.05 -20.34 11.62
C MET A 205 -2.46 -20.81 11.89
N THR A 206 -2.97 -21.68 11.02
CA THR A 206 -4.29 -22.29 11.20
C THR A 206 -4.18 -23.82 11.20
N LEU A 216 -1.26 -23.84 -3.78
CA LEU A 216 -1.16 -23.68 -5.22
C LEU A 216 -0.02 -22.71 -5.57
N PRO A 217 0.54 -22.84 -6.78
CA PRO A 217 1.63 -21.95 -7.24
C PRO A 217 1.11 -20.56 -7.63
N LEU A 218 1.99 -19.58 -7.74
CA LEU A 218 1.57 -18.19 -7.93
C LEU A 218 1.11 -17.91 -9.35
N GLY A 219 0.06 -17.10 -9.46
CA GLY A 219 -0.41 -16.64 -10.74
C GLY A 219 0.56 -15.62 -11.30
N PRO A 220 0.35 -15.24 -12.55
CA PRO A 220 1.22 -14.26 -13.22
C PRO A 220 1.16 -12.90 -12.54
N GLY A 221 2.30 -12.23 -12.50
CA GLY A 221 2.39 -10.90 -11.92
C GLY A 221 2.65 -10.91 -10.40
N GLU A 222 2.07 -11.89 -9.70
CA GLU A 222 2.10 -11.90 -8.23
C GLU A 222 3.53 -12.03 -7.71
N TRP A 223 3.91 -11.06 -6.88
CA TRP A 223 5.20 -11.03 -6.21
C TRP A 223 6.41 -11.07 -7.18
N GLU A 224 6.21 -10.72 -8.44
CA GLU A 224 7.32 -10.61 -9.37
C GLU A 224 8.30 -9.53 -8.91
N ASP A 225 7.81 -8.61 -8.10
CA ASP A 225 8.64 -7.48 -7.69
C ASP A 225 8.54 -7.11 -6.20
N GLY A 226 8.75 -8.08 -5.32
CA GLY A 226 8.84 -7.82 -3.90
C GLY A 226 9.84 -6.73 -3.58
N LEU A 227 9.46 -5.83 -2.68
CA LEU A 227 10.28 -4.70 -2.38
C LEU A 227 11.31 -4.98 -1.30
N GLY A 228 11.11 -6.06 -0.54
CA GLY A 228 11.88 -6.32 0.67
C GLY A 228 11.10 -6.04 1.94
N LEU A 229 10.08 -5.19 1.82
CA LEU A 229 9.13 -4.85 2.88
C LEU A 229 7.73 -4.86 2.32
N PRO A 230 6.74 -5.18 3.16
CA PRO A 230 5.36 -5.10 2.66
C PRO A 230 4.92 -3.62 2.49
N LEU A 231 4.04 -3.42 1.51
CA LEU A 231 3.47 -2.12 1.17
C LEU A 231 1.94 -2.08 1.25
N CYS A 232 1.42 -1.00 1.80
CA CYS A 232 -0.01 -0.68 1.76
C CYS A 232 -0.22 0.68 1.12
N VAL A 233 -1.08 0.75 0.11
CA VAL A 233 -1.40 2.04 -0.52
C VAL A 233 -2.78 2.48 -0.07
N VAL A 234 -2.85 3.70 0.47
CA VAL A 234 -4.07 4.23 1.03
C VAL A 234 -4.43 5.44 0.20
N CYS A 235 -5.56 5.36 -0.48
CA CYS A 235 -6.05 6.44 -1.31
C CYS A 235 -7.10 7.24 -0.57
N GLN A 236 -6.69 8.43 -0.14
CA GLN A 236 -7.49 9.23 0.77
C GLN A 236 -8.47 10.15 0.07
N ASN A 237 -9.42 10.66 0.85
CA ASN A 237 -10.41 11.62 0.37
C ASN A 237 -11.28 11.09 -0.75
N ALA A 238 -11.75 9.86 -0.57
CA ALA A 238 -12.54 9.17 -1.61
C ALA A 238 -13.89 9.86 -1.84
N GLU A 239 -14.26 10.79 -0.97
CA GLU A 239 -15.47 11.55 -1.24
C GLU A 239 -15.26 12.40 -2.49
N LYS A 240 -14.02 12.55 -2.96
CA LYS A 240 -13.76 13.35 -4.15
C LYS A 240 -14.06 12.57 -5.46
N MET A 241 -14.29 11.27 -5.33
CA MET A 241 -14.82 10.49 -6.48
C MET A 241 -16.14 11.08 -6.94
N GLU A 242 -17.03 11.33 -5.98
CA GLU A 242 -18.31 11.93 -6.30
C GLU A 242 -18.13 13.31 -6.90
N TYR A 243 -17.12 14.01 -6.43
CA TYR A 243 -16.81 15.32 -6.98
C TYR A 243 -16.42 15.23 -8.48
N LEU A 244 -15.60 14.25 -8.83
CA LEU A 244 -15.18 14.04 -10.20
C LEU A 244 -16.36 13.60 -11.09
N GLU A 245 -17.25 12.79 -10.54
CA GLU A 245 -18.42 12.41 -11.29
C GLU A 245 -19.26 13.64 -11.64
N LYS A 246 -19.47 14.54 -10.69
CA LYS A 246 -20.42 15.63 -10.91
C LYS A 246 -19.82 16.88 -11.58
N THR A 247 -18.52 17.10 -11.48
CA THR A 247 -17.92 18.31 -12.06
C THR A 247 -16.95 18.01 -13.20
N GLN A 248 -16.48 16.78 -13.33
CA GLN A 248 -15.57 16.45 -14.42
C GLN A 248 -16.09 15.33 -15.32
N GLY A 249 -17.37 14.97 -15.15
CA GLY A 249 -18.00 14.01 -16.03
C GLY A 249 -17.49 12.58 -15.95
N TRP A 250 -16.83 12.21 -14.85
CA TRP A 250 -16.29 10.86 -14.73
C TRP A 250 -17.44 9.86 -14.63
N LYS A 251 -17.29 8.73 -15.33
CA LYS A 251 -18.28 7.66 -15.32
C LYS A 251 -17.77 6.53 -14.44
N GLU A 252 -18.67 5.64 -14.05
CA GLU A 252 -18.29 4.50 -13.18
C GLU A 252 -17.09 3.77 -13.77
N GLU A 253 -17.10 3.59 -15.08
N GLU A 253 -17.10 3.58 -15.09
CA GLU A 253 -16.07 2.78 -15.73
CA GLU A 253 -16.05 2.79 -15.73
C GLU A 253 -14.68 3.42 -15.65
C GLU A 253 -14.67 3.42 -15.58
N GLU A 254 -14.60 4.75 -15.49
CA GLU A 254 -13.31 5.42 -15.34
C GLU A 254 -12.70 5.14 -13.99
N PHE A 255 -13.53 5.17 -12.94
CA PHE A 255 -13.06 4.75 -11.61
C PHE A 255 -12.56 3.29 -11.67
N ASP A 256 -13.27 2.45 -12.40
CA ASP A 256 -12.85 1.06 -12.46
C ASP A 256 -11.50 0.88 -13.18
N VAL A 257 -11.22 1.71 -14.19
CA VAL A 257 -9.98 1.60 -14.93
C VAL A 257 -8.80 2.02 -14.05
N VAL A 258 -8.98 3.09 -13.30
CA VAL A 258 -8.01 3.48 -12.28
C VAL A 258 -7.72 2.28 -11.38
N LEU A 259 -8.79 1.64 -10.94
CA LEU A 259 -8.66 0.49 -10.06
C LEU A 259 -7.92 -0.66 -10.73
N GLN A 260 -8.26 -0.97 -11.97
CA GLN A 260 -7.53 -2.01 -12.69
C GLN A 260 -6.03 -1.70 -12.82
N PHE A 261 -5.69 -0.46 -13.18
CA PHE A 261 -4.27 -0.04 -13.22
C PHE A 261 -3.57 -0.21 -11.84
N MET A 262 -4.20 0.28 -10.78
CA MET A 262 -3.58 0.21 -9.47
C MET A 262 -3.41 -1.23 -9.00
N ARG A 263 -4.45 -2.05 -9.15
CA ARG A 263 -4.40 -3.45 -8.74
C ARG A 263 -3.28 -4.18 -9.45
N THR A 264 -3.10 -3.89 -10.73
CA THR A 264 -2.10 -4.60 -11.52
C THR A 264 -0.68 -4.32 -11.08
N VAL A 265 -0.32 -3.06 -10.86
CA VAL A 265 1.08 -2.77 -10.51
C VAL A 265 1.32 -3.24 -9.07
N LEU A 266 0.34 -3.02 -8.18
CA LEU A 266 0.49 -3.33 -6.74
C LEU A 266 0.59 -4.83 -6.51
N LEU A 267 -0.05 -5.61 -7.38
CA LEU A 267 0.03 -7.06 -7.35
C LEU A 267 1.47 -7.54 -7.42
N LYS A 268 2.29 -6.82 -8.17
CA LYS A 268 3.70 -7.20 -8.35
C LYS A 268 4.49 -7.06 -7.07
N HIS A 269 4.02 -6.20 -6.17
CA HIS A 269 4.70 -5.97 -4.89
C HIS A 269 4.07 -6.72 -3.71
N GLY A 270 3.08 -7.54 -4.03
CA GLY A 270 2.26 -8.17 -3.02
C GLY A 270 1.46 -7.17 -2.17
N ALA A 271 1.23 -5.98 -2.69
CA ALA A 271 0.74 -4.87 -1.88
C ALA A 271 -0.78 -4.79 -1.73
N SER A 272 -1.24 -4.17 -0.65
CA SER A 272 -2.65 -3.91 -0.45
C SER A 272 -3.04 -2.52 -0.97
N LEU A 273 -4.36 -2.35 -1.12
CA LEU A 273 -4.97 -1.11 -1.62
C LEU A 273 -6.26 -0.85 -0.86
N ILE A 274 -6.44 0.37 -0.37
CA ILE A 274 -7.65 0.71 0.33
C ILE A 274 -7.98 2.19 0.12
N TYR A 275 -9.28 2.46 -0.05
CA TYR A 275 -9.76 3.82 -0.18
C TYR A 275 -10.36 4.19 1.17
N THR A 276 -10.14 5.43 1.58
CA THR A 276 -10.74 5.95 2.78
C THR A 276 -11.35 7.34 2.55
N THR A 277 -12.31 7.64 3.41
CA THR A 277 -12.93 8.97 3.49
C THR A 277 -12.84 9.50 4.95
N PRO A 278 -12.46 10.78 5.13
CA PRO A 278 -12.39 11.27 6.51
C PRO A 278 -13.70 11.05 7.28
N SER A 279 -13.60 10.55 8.50
CA SER A 279 -14.73 10.31 9.37
C SER A 279 -15.64 9.12 8.99
N VAL A 280 -15.34 8.39 7.91
CA VAL A 280 -16.15 7.23 7.50
C VAL A 280 -15.40 5.98 7.97
N PRO A 281 -16.03 5.18 8.85
CA PRO A 281 -15.29 4.00 9.33
C PRO A 281 -14.90 3.05 8.20
N SER A 282 -13.73 2.40 8.32
CA SER A 282 -13.23 1.53 7.24
C SER A 282 -12.52 0.33 7.83
N GLN A 283 -12.01 -0.53 6.96
CA GLN A 283 -11.18 -1.64 7.41
C GLN A 283 -9.68 -1.28 7.55
N LEU A 284 -9.37 0.01 7.54
CA LEU A 284 -7.98 0.43 7.59
C LEU A 284 -7.26 -0.14 8.84
N PRO A 285 -7.84 0.05 10.07
CA PRO A 285 -7.16 -0.52 11.24
C PRO A 285 -6.90 -2.01 11.09
N SER A 286 -7.91 -2.81 10.70
CA SER A 286 -7.69 -4.27 10.59
C SER A 286 -6.61 -4.63 9.57
N LEU A 287 -6.64 -3.97 8.40
CA LEU A 287 -5.65 -4.18 7.34
C LEU A 287 -4.22 -3.85 7.78
N ILE A 288 -4.03 -2.67 8.34
CA ILE A 288 -2.73 -2.21 8.79
C ILE A 288 -2.24 -3.07 9.95
N HIS A 289 -3.10 -3.31 10.94
CA HIS A 289 -2.65 -4.09 12.07
C HIS A 289 -2.29 -5.53 11.67
N SER A 290 -3.07 -6.12 10.75
CA SER A 290 -2.80 -7.50 10.34
C SER A 290 -1.50 -7.53 9.51
N SER A 291 -1.35 -6.54 8.65
CA SER A 291 -0.13 -6.44 7.85
C SER A 291 1.13 -6.26 8.71
N LEU A 292 0.97 -5.63 9.87
CA LEU A 292 2.07 -5.42 10.81
C LEU A 292 2.34 -6.67 11.69
N GLY A 293 1.56 -7.72 11.47
CA GLY A 293 1.72 -8.96 12.21
C GLY A 293 1.20 -8.84 13.63
N ILE A 294 0.21 -7.98 13.86
CA ILE A 294 -0.44 -7.89 15.16
C ILE A 294 -1.62 -8.89 15.19
N HIS A 295 -1.54 -9.80 16.15
CA HIS A 295 -2.42 -10.95 16.24
C HIS A 295 -3.44 -10.75 17.34
N SER A 296 -4.70 -10.61 16.95
CA SER A 296 -5.77 -10.55 17.93
C SER A 296 -5.88 -11.87 18.71
N LEU A 297 -6.13 -11.78 20.02
CA LEU A 297 -6.42 -12.97 20.83
C LEU A 297 -7.93 -13.21 20.99
N LEU A 298 -8.74 -12.42 20.29
CA LEU A 298 -10.19 -12.48 20.42
C LEU A 298 -10.96 -12.56 19.09
N LYS A 299 -10.41 -12.02 18.01
CA LYS A 299 -11.16 -11.86 16.75
C LYS A 299 -10.56 -12.75 15.69
N LYS A 300 -11.41 -13.51 15.02
CA LYS A 300 -10.98 -14.31 13.88
C LYS A 300 -11.67 -13.92 12.54
N GLN A 301 -12.46 -12.87 12.53
CA GLN A 301 -13.08 -12.40 11.30
C GLN A 301 -12.02 -11.90 10.32
N PRO A 302 -11.94 -12.48 9.10
CA PRO A 302 -10.92 -11.94 8.19
C PRO A 302 -11.29 -10.59 7.58
N LEU A 303 -10.37 -9.96 6.86
CA LEU A 303 -10.67 -8.73 6.15
C LEU A 303 -11.78 -8.96 5.13
N LYS A 304 -12.59 -7.95 4.83
CA LYS A 304 -13.59 -8.10 3.77
C LYS A 304 -13.14 -7.37 2.49
N HIS A 305 -12.77 -8.11 1.47
CA HIS A 305 -12.31 -7.49 0.23
C HIS A 305 -13.50 -6.90 -0.52
N ASN A 306 -13.25 -5.79 -1.21
CA ASN A 306 -14.26 -5.19 -2.07
C ASN A 306 -13.62 -4.50 -3.24
N VAL A 307 -14.09 -4.82 -4.46
CA VAL A 307 -13.65 -4.09 -5.66
C VAL A 307 -14.83 -3.49 -6.45
N ILE A 308 -16.03 -3.51 -5.86
CA ILE A 308 -17.25 -3.14 -6.55
C ILE A 308 -17.74 -1.76 -6.10
N GLU A 309 -17.98 -1.59 -4.79
CA GLU A 309 -18.52 -0.34 -4.27
C GLU A 309 -17.36 0.65 -4.32
N ARG A 310 -17.45 1.60 -5.25
CA ARG A 310 -16.27 2.27 -5.79
C ARG A 310 -15.47 3.10 -4.80
N ASP A 311 -16.09 3.67 -3.76
CA ASP A 311 -15.34 4.52 -2.85
C ASP A 311 -14.91 3.80 -1.58
N LYS A 312 -15.18 2.50 -1.50
CA LYS A 312 -14.80 1.67 -0.35
C LYS A 312 -13.92 0.46 -0.71
N ILE A 313 -13.07 0.69 -1.69
CA ILE A 313 -12.21 -0.38 -2.16
C ILE A 313 -11.35 -0.90 -1.02
N VAL A 314 -11.23 -2.22 -0.97
CA VAL A 314 -10.32 -2.91 -0.05
C VAL A 314 -9.74 -4.12 -0.78
N VAL A 315 -8.44 -4.09 -1.03
CA VAL A 315 -7.73 -5.17 -1.69
C VAL A 315 -6.60 -5.64 -0.78
N PRO A 316 -6.85 -6.69 0.01
CA PRO A 316 -5.82 -7.20 0.91
C PRO A 316 -4.75 -7.95 0.16
N PRO A 317 -3.57 -8.09 0.75
CA PRO A 317 -2.50 -8.86 0.11
C PRO A 317 -2.92 -10.28 -0.16
N ASN A 318 -2.32 -10.87 -1.20
CA ASN A 318 -2.43 -12.29 -1.51
C ASN A 318 -3.89 -12.72 -1.77
N TRP A 319 -4.70 -11.77 -2.21
CA TRP A 319 -6.09 -12.05 -2.60
C TRP A 319 -6.23 -11.90 -4.12
N ASP A 320 -5.71 -10.80 -4.66
CA ASP A 320 -5.96 -10.46 -6.07
C ASP A 320 -5.17 -11.34 -7.03
N SER A 321 -5.53 -11.23 -8.30
CA SER A 321 -4.93 -12.00 -9.39
C SER A 321 -5.28 -11.33 -10.72
N TRP A 322 -4.54 -11.65 -11.76
CA TRP A 322 -4.91 -11.17 -13.08
C TRP A 322 -6.31 -11.60 -13.50
N GLY A 323 -6.67 -12.83 -13.16
CA GLY A 323 -8.00 -13.35 -13.52
C GLY A 323 -9.08 -12.43 -12.98
N LYS A 324 -8.88 -11.98 -11.74
CA LYS A 324 -9.85 -11.13 -11.07
C LYS A 324 -9.84 -9.72 -11.66
N ILE A 325 -8.65 -9.16 -11.82
CA ILE A 325 -8.51 -7.83 -12.39
C ILE A 325 -9.15 -7.72 -13.77
N ARG A 326 -8.90 -8.72 -14.62
N ARG A 326 -8.86 -8.70 -14.64
CA ARG A 326 -9.36 -8.68 -16.00
CA ARG A 326 -9.39 -8.73 -16.01
C ARG A 326 -10.89 -8.63 -16.18
C ARG A 326 -10.90 -8.46 -16.06
N VAL A 327 -11.65 -9.17 -15.22
CA VAL A 327 -13.12 -9.23 -15.35
C VAL A 327 -13.83 -8.00 -14.82
N LEU A 328 -13.15 -7.12 -14.11
CA LEU A 328 -13.82 -5.95 -13.56
C LEU A 328 -14.52 -5.16 -14.68
N ARG A 329 -13.77 -4.89 -15.75
CA ARG A 329 -14.28 -4.30 -16.99
C ARG A 329 -13.48 -4.87 -18.15
N GLU A 330 -14.12 -4.91 -19.29
CA GLU A 330 -13.48 -5.45 -20.49
C GLU A 330 -12.44 -4.46 -21.06
N GLY A 331 -11.58 -4.96 -21.94
CA GLY A 331 -10.63 -4.12 -22.65
C GLY A 331 -9.38 -3.73 -21.91
N PHE A 332 -9.09 -4.41 -20.80
CA PHE A 332 -7.91 -4.05 -20.02
C PHE A 332 -6.82 -5.07 -20.19
N ASP A 333 -5.75 -4.63 -20.85
CA ASP A 333 -4.60 -5.47 -21.15
C ASP A 333 -3.72 -5.58 -19.92
N VAL A 334 -4.06 -6.51 -19.03
N VAL A 334 -4.05 -6.50 -19.03
CA VAL A 334 -3.39 -6.64 -17.74
CA VAL A 334 -3.38 -6.59 -17.73
C VAL A 334 -1.90 -6.88 -17.92
C VAL A 334 -1.89 -6.90 -17.90
N GLU A 335 -1.55 -7.78 -18.83
CA GLU A 335 -0.16 -8.14 -19.03
C GLU A 335 0.65 -6.97 -19.58
N ARG A 336 0.07 -6.20 -20.50
CA ARG A 336 0.78 -5.04 -21.02
C ARG A 336 1.09 -4.04 -19.88
N VAL A 337 0.11 -3.82 -19.01
CA VAL A 337 0.28 -2.87 -17.91
C VAL A 337 1.29 -3.42 -16.90
N SER A 338 1.29 -4.73 -16.67
CA SER A 338 2.22 -5.32 -15.73
C SER A 338 3.66 -5.19 -16.27
N ASN A 339 3.85 -5.45 -17.56
CA ASN A 339 5.16 -5.31 -18.19
C ASN A 339 5.65 -3.85 -18.27
N GLY A 340 4.72 -2.94 -18.51
CA GLY A 340 5.01 -1.52 -18.46
C GLY A 340 5.52 -1.06 -17.09
N TRP A 341 5.18 -1.78 -16.03
CA TRP A 341 5.63 -1.41 -14.68
C TRP A 341 7.05 -1.90 -14.47
N SER A 342 7.42 -2.99 -15.14
CA SER A 342 8.83 -3.40 -15.20
C SER A 342 9.66 -2.37 -15.91
N VAL A 343 9.16 -1.85 -17.03
CA VAL A 343 9.85 -0.79 -17.74
C VAL A 343 10.05 0.41 -16.79
N ASP A 344 8.98 0.81 -16.10
CA ASP A 344 9.04 1.99 -15.22
C ASP A 344 10.03 1.87 -14.05
N LEU A 345 10.14 0.68 -13.46
CA LEU A 345 10.96 0.49 -12.28
C LEU A 345 12.37 0.06 -12.59
N ASP A 346 12.65 -0.24 -13.85
CA ASP A 346 14.04 -0.48 -14.27
C ASP A 346 14.63 0.85 -14.79
N GLN A 347 14.78 1.79 -13.85
CA GLN A 347 15.29 3.12 -14.15
C GLN A 347 16.05 3.69 -12.95
N PRO A 348 17.08 4.53 -13.20
CA PRO A 348 17.87 5.12 -12.11
C PRO A 348 17.08 6.18 -11.31
N TYR A 349 17.41 6.34 -10.03
CA TYR A 349 16.81 7.38 -9.18
C TYR A 349 17.85 8.32 -8.57
N PRO A 350 17.67 9.65 -8.77
CA PRO A 350 16.52 10.25 -9.46
C PRO A 350 16.61 10.28 -10.99
N LEU A 380 15.84 11.40 -18.36
CA LEU A 380 14.73 12.27 -17.99
C LEU A 380 13.38 11.85 -18.63
N PRO A 381 13.37 11.47 -19.94
CA PRO A 381 12.07 11.15 -20.56
C PRO A 381 11.51 9.76 -20.23
N ASP A 382 10.21 9.58 -20.48
CA ASP A 382 9.49 8.34 -20.14
C ASP A 382 9.83 7.23 -21.15
N PRO A 383 10.24 6.06 -20.65
CA PRO A 383 10.68 4.97 -21.55
C PRO A 383 9.54 4.31 -22.31
N GLU A 384 9.84 3.79 -23.50
CA GLU A 384 8.88 3.07 -24.31
C GLU A 384 8.23 1.94 -23.52
N GLY A 385 6.90 1.88 -23.57
CA GLY A 385 6.12 0.86 -22.89
C GLY A 385 5.73 1.17 -21.46
N SER A 386 6.10 2.37 -20.99
CA SER A 386 5.85 2.80 -19.63
C SER A 386 4.39 2.69 -19.22
N THR A 387 4.15 2.14 -18.05
CA THR A 387 2.79 2.10 -17.54
C THR A 387 2.35 3.46 -16.95
N VAL A 388 3.30 4.27 -16.45
CA VAL A 388 2.96 5.65 -16.10
C VAL A 388 2.33 6.37 -17.31
N VAL A 389 2.87 6.14 -18.50
CA VAL A 389 2.37 6.80 -19.72
C VAL A 389 0.99 6.23 -20.07
N LEU A 390 0.85 4.90 -19.96
CA LEU A 390 -0.41 4.24 -20.24
C LEU A 390 -1.48 4.76 -19.28
N TYR A 391 -1.12 4.90 -18.02
CA TYR A 391 -2.06 5.39 -17.01
C TYR A 391 -2.46 6.83 -17.32
N GLU A 392 -1.45 7.66 -17.59
CA GLU A 392 -1.70 9.10 -17.79
C GLU A 392 -2.41 9.42 -19.10
N GLU A 393 -2.34 8.52 -20.06
CA GLU A 393 -3.18 8.63 -21.26
C GLU A 393 -4.63 8.29 -20.92
N ALA A 394 -4.81 7.27 -20.07
CA ALA A 394 -6.13 6.75 -19.71
C ALA A 394 -6.86 7.65 -18.69
N VAL A 395 -6.09 8.24 -17.79
CA VAL A 395 -6.62 9.02 -16.68
C VAL A 395 -6.14 10.46 -16.80
N GLN A 396 -6.91 11.27 -17.49
CA GLN A 396 -6.36 12.55 -17.90
C GLN A 396 -6.59 13.60 -16.82
N ASP A 397 -5.62 14.48 -16.73
CA ASP A 397 -5.65 15.67 -15.89
C ASP A 397 -6.64 16.67 -16.49
N PRO A 398 -7.60 17.18 -15.70
CA PRO A 398 -8.41 18.31 -16.23
C PRO A 398 -7.60 19.61 -16.37
N THR A 399 -6.27 19.48 -16.39
CA THR A 399 -5.32 20.56 -16.65
C THR A 399 -5.64 21.79 -15.82
#